data_7BA8
#
_entry.id   7BA8
#
_cell.length_a   81.702
_cell.length_b   112.163
_cell.length_c   62.269
_cell.angle_alpha   90.000
_cell.angle_beta   90.000
_cell.angle_gamma   90.000
#
_symmetry.space_group_name_H-M   'C 2 2 21'
#
loop_
_entity.id
_entity.type
_entity.pdbx_description
1 polymer '14-3-3 protein sigma'
2 polymer 'Estrogen receptor'
3 non-polymer 'MAGNESIUM ION'
4 non-polymer 2-methyl-2-phenoxy-~{N}-(2-sulfanylethyl)propanamide
5 water water
#
loop_
_entity_poly.entity_id
_entity_poly.type
_entity_poly.pdbx_seq_one_letter_code
_entity_poly.pdbx_strand_id
1 'polypeptide(L)'
;GAMGSMERASLIQKAKLAEQAERYEDMAAFMKGAVEKGEELSNEERCLLSVAYKNVVGGQRAAWRVLSSIEQKSNEEGSE
EKGPEVREYREKVETELQGVCDTVLGLLDSHLIKEAGDAESRVFYLKMKGDYYRYLAEVATGDDKKRIIDSARSAYQEAM
DISKKEMPPTNPIRLGLALNFSVFHYEIANSPEEAISLAKTTFDEAMADLHTLSEDSYKDSTLIMQLLRDNLTLWT
;
A
2 'polypeptide(L)' AEGFPA(TPO)V B
#
# COMPACT_ATOMS: atom_id res chain seq x y z
N GLY A 1 3.30 -17.84 -17.13
CA GLY A 1 2.18 -17.06 -16.62
C GLY A 1 0.98 -17.28 -17.51
N ALA A 2 -0.19 -17.48 -16.89
CA ALA A 2 -1.43 -17.71 -17.62
C ALA A 2 -1.82 -16.52 -18.49
N MET A 3 -1.27 -15.34 -18.25
CA MET A 3 -1.52 -14.18 -19.10
C MET A 3 -0.49 -13.99 -20.20
N GLY A 4 0.50 -14.89 -20.30
CA GLY A 4 1.59 -14.74 -21.25
C GLY A 4 1.14 -14.65 -22.71
N SER A 5 -0.01 -15.26 -23.05
CA SER A 5 -0.45 -15.24 -24.44
C SER A 5 -1.35 -14.06 -24.76
N MET A 6 -1.71 -13.21 -23.80
CA MET A 6 -2.62 -12.11 -24.06
C MET A 6 -1.86 -10.83 -24.32
N GLU A 7 -2.28 -10.07 -25.34
CA GLU A 7 -1.65 -8.78 -25.65
C GLU A 7 -1.65 -7.86 -24.45
N ARG A 8 -0.55 -7.08 -24.31
CA ARG A 8 -0.49 -6.06 -23.27
C ARG A 8 -1.71 -5.15 -23.26
N ALA A 9 -2.09 -4.61 -24.43
CA ALA A 9 -3.20 -3.66 -24.47
C ALA A 9 -4.50 -4.33 -24.03
N SER A 10 -4.67 -5.62 -24.39
CA SER A 10 -5.87 -6.35 -24.00
C SER A 10 -5.91 -6.57 -22.49
N LEU A 11 -4.75 -6.85 -21.89
CA LEU A 11 -4.68 -6.99 -20.43
C LEU A 11 -5.08 -5.71 -19.73
N ILE A 12 -4.61 -4.57 -20.23
CA ILE A 12 -4.98 -3.29 -19.63
C ILE A 12 -6.46 -3.02 -19.79
N GLN A 13 -6.99 -3.28 -20.99
CA GLN A 13 -8.41 -3.09 -21.22
C GLN A 13 -9.24 -3.96 -20.28
N LYS A 14 -8.84 -5.21 -20.13
CA LYS A 14 -9.56 -6.10 -19.21
C LYS A 14 -9.41 -5.71 -17.76
N ALA A 15 -8.25 -5.18 -17.36
CA ALA A 15 -8.13 -4.66 -16.00
C ALA A 15 -9.14 -3.56 -15.75
N LYS A 16 -9.37 -2.69 -16.74
CA LYS A 16 -10.34 -1.62 -16.56
C LYS A 16 -11.75 -2.17 -16.47
N LEU A 17 -12.06 -3.20 -17.28
CA LEU A 17 -13.38 -3.85 -17.20
C LEU A 17 -13.58 -4.50 -15.84
N ALA A 18 -12.52 -5.18 -15.36
CA ALA A 18 -12.60 -5.86 -14.08
C ALA A 18 -12.83 -4.85 -12.97
N GLU A 19 -12.18 -3.67 -13.05
CA GLU A 19 -12.44 -2.63 -12.07
C GLU A 19 -13.92 -2.22 -12.08
N GLN A 20 -14.49 -1.99 -13.26
CA GLN A 20 -15.90 -1.61 -13.31
C GLN A 20 -16.81 -2.69 -12.75
N ALA A 21 -16.43 -3.97 -12.90
CA ALA A 21 -17.21 -5.09 -12.40
C ALA A 21 -16.87 -5.43 -10.96
N GLU A 22 -15.99 -4.67 -10.33
CA GLU A 22 -15.54 -4.92 -8.95
C GLU A 22 -14.95 -6.33 -8.78
N ARG A 23 -14.23 -6.80 -9.80
CA ARG A 23 -13.58 -8.11 -9.80
C ARG A 23 -12.09 -7.84 -9.60
N TYR A 24 -11.70 -7.58 -8.36
CA TYR A 24 -10.35 -7.07 -8.14
C TYR A 24 -9.30 -8.15 -8.23
N GLU A 25 -9.61 -9.42 -7.93
CA GLU A 25 -8.65 -10.47 -8.18
C GLU A 25 -8.34 -10.59 -9.66
N ASP A 26 -9.36 -10.55 -10.50
CA ASP A 26 -9.07 -10.59 -11.93
C ASP A 26 -8.27 -9.37 -12.34
N MET A 27 -8.66 -8.20 -11.84
CA MET A 27 -7.92 -6.97 -12.16
C MET A 27 -6.45 -7.12 -11.85
N ALA A 28 -6.15 -7.67 -10.69
CA ALA A 28 -4.75 -7.83 -10.30
C ALA A 28 -4.04 -8.85 -11.18
N ALA A 29 -4.72 -9.95 -11.54
CA ALA A 29 -4.10 -10.91 -12.43
C ALA A 29 -3.80 -10.30 -13.80
N PHE A 30 -4.72 -9.51 -14.33
CA PHE A 30 -4.49 -8.87 -15.62
C PHE A 30 -3.29 -7.91 -15.51
N MET A 31 -3.23 -7.10 -14.45
CA MET A 31 -2.14 -6.15 -14.29
C MET A 31 -0.80 -6.84 -14.06
N LYS A 32 -0.77 -7.95 -13.32
CA LYS A 32 0.44 -8.75 -13.21
C LYS A 32 0.91 -9.18 -14.60
N GLY A 33 -0.03 -9.69 -15.42
CA GLY A 33 0.33 -10.06 -16.79
C GLY A 33 0.89 -8.89 -17.57
N ALA A 34 0.28 -7.70 -17.42
CA ALA A 34 0.80 -6.51 -18.09
C ALA A 34 2.20 -6.16 -17.64
N VAL A 35 2.45 -6.14 -16.35
CA VAL A 35 3.81 -5.86 -15.89
C VAL A 35 4.79 -6.86 -16.46
N GLU A 36 4.41 -8.13 -16.50
CA GLU A 36 5.34 -9.16 -16.95
C GLU A 36 5.65 -9.07 -18.44
N LYS A 37 4.98 -8.21 -19.19
CA LYS A 37 5.42 -7.97 -20.54
C LYS A 37 6.78 -7.29 -20.58
N GLY A 38 7.22 -6.68 -19.50
CA GLY A 38 8.56 -6.14 -19.40
C GLY A 38 8.70 -4.67 -19.74
N GLU A 39 7.67 -4.04 -20.27
CA GLU A 39 7.71 -2.62 -20.58
C GLU A 39 7.40 -1.82 -19.31
N GLU A 40 7.92 -0.61 -19.23
CA GLU A 40 7.55 0.30 -18.15
C GLU A 40 6.05 0.60 -18.22
N LEU A 41 5.49 1.00 -17.07
CA LEU A 41 4.07 1.35 -16.95
C LEU A 41 3.90 2.85 -17.00
N SER A 42 2.82 3.30 -17.60
CA SER A 42 2.42 4.69 -17.58
C SER A 42 1.80 5.04 -16.22
N ASN A 43 1.51 6.33 -16.02
N ASN A 43 1.51 6.33 -16.00
CA ASN A 43 0.88 6.78 -14.80
CA ASN A 43 0.88 6.74 -14.74
C ASN A 43 -0.44 6.06 -14.56
C ASN A 43 -0.45 6.03 -14.54
N GLU A 44 -1.28 5.99 -15.58
CA GLU A 44 -2.58 5.34 -15.43
C GLU A 44 -2.41 3.85 -15.14
N GLU A 45 -1.46 3.21 -15.81
CA GLU A 45 -1.24 1.78 -15.60
C GLU A 45 -0.74 1.51 -14.18
N ARG A 46 0.10 2.39 -13.64
CA ARG A 46 0.53 2.23 -12.25
C ARG A 46 -0.64 2.32 -11.31
N CYS A 47 -1.56 3.24 -11.59
CA CYS A 47 -2.77 3.32 -10.78
C CYS A 47 -3.61 2.05 -10.90
N LEU A 48 -3.77 1.48 -12.08
CA LEU A 48 -4.54 0.24 -12.18
C LEU A 48 -3.87 -0.88 -11.38
N LEU A 49 -2.54 -1.00 -11.44
CA LEU A 49 -1.83 -2.03 -10.67
C LEU A 49 -2.08 -1.83 -9.18
N SER A 50 -1.90 -0.60 -8.70
CA SER A 50 -2.02 -0.34 -7.28
C SER A 50 -3.44 -0.50 -6.78
N VAL A 51 -4.44 -0.06 -7.53
CA VAL A 51 -5.83 -0.21 -7.11
C VAL A 51 -6.18 -1.70 -7.01
N ALA A 52 -5.79 -2.48 -8.01
CA ALA A 52 -6.14 -3.89 -8.02
C ALA A 52 -5.61 -4.59 -6.77
N TYR A 53 -4.30 -4.48 -6.52
CA TYR A 53 -3.71 -5.19 -5.38
C TYR A 53 -4.12 -4.59 -4.05
N LYS A 54 -4.36 -3.27 -3.98
CA LYS A 54 -4.82 -2.67 -2.74
C LYS A 54 -6.15 -3.27 -2.32
N ASN A 55 -7.04 -3.47 -3.27
CA ASN A 55 -8.35 -4.03 -2.99
C ASN A 55 -8.25 -5.50 -2.63
N VAL A 56 -7.43 -6.27 -3.34
CA VAL A 56 -7.25 -7.69 -2.98
C VAL A 56 -6.72 -7.82 -1.57
N VAL A 57 -5.57 -7.18 -1.29
CA VAL A 57 -4.96 -7.34 0.03
C VAL A 57 -5.79 -6.67 1.08
N GLY A 58 -6.53 -5.60 0.75
CA GLY A 58 -7.38 -4.97 1.74
C GLY A 58 -8.48 -5.90 2.24
N GLY A 59 -9.06 -6.70 1.34
CA GLY A 59 -10.03 -7.69 1.77
C GLY A 59 -9.39 -8.79 2.60
N GLN A 60 -8.18 -9.22 2.23
CA GLN A 60 -7.49 -10.23 3.02
C GLN A 60 -7.19 -9.70 4.42
N ARG A 61 -6.71 -8.46 4.52
CA ARG A 61 -6.41 -7.86 5.81
C ARG A 61 -7.66 -7.78 6.68
N ALA A 62 -8.77 -7.38 6.10
CA ALA A 62 -9.97 -7.28 6.90
C ALA A 62 -10.39 -8.64 7.42
N ALA A 63 -10.30 -9.67 6.58
CA ALA A 63 -10.65 -11.04 7.02
C ALA A 63 -9.68 -11.53 8.08
N TRP A 64 -8.38 -11.27 7.90
CA TRP A 64 -7.39 -11.66 8.90
C TRP A 64 -7.65 -11.01 10.23
N ARG A 65 -8.06 -9.75 10.24
CA ARG A 65 -8.33 -9.08 11.50
C ARG A 65 -9.51 -9.70 12.22
N VAL A 66 -10.56 -10.05 11.48
CA VAL A 66 -11.73 -10.70 12.09
C VAL A 66 -11.31 -12.01 12.72
N LEU A 67 -10.54 -12.82 11.98
CA LEU A 67 -10.13 -14.13 12.47
C LEU A 67 -9.17 -14.02 13.64
N SER A 68 -8.22 -13.09 13.57
CA SER A 68 -7.27 -12.87 14.67
C SER A 68 -7.98 -12.45 15.94
N SER A 69 -9.01 -11.63 15.81
CA SER A 69 -9.79 -11.24 16.98
C SER A 69 -10.51 -12.44 17.58
N ILE A 70 -11.13 -13.27 16.76
CA ILE A 70 -11.77 -14.48 17.27
C ILE A 70 -10.73 -15.37 17.94
N GLU A 71 -9.56 -15.51 17.34
CA GLU A 71 -8.52 -16.35 17.90
C GLU A 71 -8.06 -15.81 19.26
N GLN A 72 -7.89 -14.50 19.36
CA GLN A 72 -7.44 -13.92 20.63
C GLN A 72 -8.47 -14.16 21.72
N LYS A 73 -9.75 -14.00 21.41
CA LYS A 73 -10.80 -14.25 22.39
C LYS A 73 -10.89 -15.72 22.77
N SER A 74 -10.67 -16.64 21.83
CA SER A 74 -10.65 -18.06 22.16
C SER A 74 -9.49 -18.40 23.09
N ASN A 75 -8.45 -17.58 23.12
CA ASN A 75 -7.30 -17.83 23.98
C ASN A 75 -7.36 -17.13 25.32
N GLU A 76 -8.45 -16.40 25.61
CA GLU A 76 -8.63 -15.79 26.91
C GLU A 76 -9.10 -16.83 27.93
N GLU A 77 -8.73 -16.61 29.20
CA GLU A 77 -9.09 -17.54 30.26
C GLU A 77 -10.60 -17.53 30.49
N GLY A 78 -11.16 -18.73 30.69
CA GLY A 78 -12.59 -18.91 30.77
C GLY A 78 -13.25 -19.28 29.45
N SER A 79 -12.53 -19.11 28.33
CA SER A 79 -13.07 -19.49 27.03
C SER A 79 -12.97 -21.00 26.84
N GLU A 80 -14.00 -21.57 26.22
CA GLU A 80 -14.02 -22.99 25.98
C GLU A 80 -13.08 -23.33 24.83
N GLU A 81 -12.32 -24.41 25.00
CA GLU A 81 -11.43 -24.88 23.94
C GLU A 81 -12.25 -25.30 22.73
N LYS A 82 -11.95 -24.72 21.58
CA LYS A 82 -12.66 -25.07 20.35
C LYS A 82 -11.80 -25.78 19.32
N GLY A 83 -10.57 -26.18 19.69
CA GLY A 83 -9.73 -26.94 18.80
C GLY A 83 -8.84 -26.05 17.95
N PRO A 84 -8.15 -26.64 16.98
CA PRO A 84 -7.17 -25.91 16.16
C PRO A 84 -7.78 -25.11 15.02
N GLU A 85 -9.09 -25.16 14.81
CA GLU A 85 -9.68 -24.66 13.57
C GLU A 85 -9.51 -23.16 13.38
N VAL A 86 -9.69 -22.36 14.43
CA VAL A 86 -9.57 -20.90 14.27
C VAL A 86 -8.16 -20.54 13.87
N ARG A 87 -7.17 -21.08 14.59
CA ARG A 87 -5.77 -20.82 14.24
C ARG A 87 -5.49 -21.31 12.83
N GLU A 88 -6.00 -22.49 12.44
CA GLU A 88 -5.72 -23.01 11.11
C GLU A 88 -6.28 -22.09 10.04
N TYR A 89 -7.50 -21.63 10.23
CA TYR A 89 -8.11 -20.82 9.19
C TYR A 89 -7.47 -19.42 9.15
N ARG A 90 -7.17 -18.83 10.30
CA ARG A 90 -6.40 -17.58 10.31
C ARG A 90 -5.08 -17.76 9.59
N GLU A 91 -4.39 -18.89 9.82
N GLU A 91 -4.40 -18.89 9.81
CA GLU A 91 -3.14 -19.18 9.13
CA GLU A 91 -3.14 -19.16 9.12
C GLU A 91 -3.33 -19.33 7.64
C GLU A 91 -3.35 -19.30 7.62
N LYS A 92 -4.47 -19.90 7.21
CA LYS A 92 -4.73 -20.03 5.78
C LYS A 92 -4.88 -18.67 5.13
N VAL A 93 -5.69 -17.79 5.73
CA VAL A 93 -5.85 -16.44 5.20
C VAL A 93 -4.52 -15.70 5.24
N GLU A 94 -3.75 -15.83 6.32
CA GLU A 94 -2.47 -15.17 6.46
C GLU A 94 -1.51 -15.61 5.37
N THR A 95 -1.46 -16.91 5.05
CA THR A 95 -0.56 -17.40 4.02
C THR A 95 -0.96 -16.89 2.65
N GLU A 96 -2.25 -16.78 2.39
N GLU A 96 -2.24 -16.84 2.37
CA GLU A 96 -2.70 -16.22 1.10
CA GLU A 96 -2.68 -16.26 1.12
C GLU A 96 -2.38 -14.73 0.99
C GLU A 96 -2.26 -14.79 1.03
N LEU A 97 -2.51 -14.01 2.09
CA LEU A 97 -2.11 -12.60 2.15
C LEU A 97 -0.63 -12.44 1.91
N GLN A 98 0.18 -13.24 2.59
CA GLN A 98 1.62 -13.17 2.38
C GLN A 98 1.98 -13.50 0.96
N GLY A 99 1.25 -14.43 0.34
CA GLY A 99 1.49 -14.76 -1.06
C GLY A 99 1.24 -13.59 -1.99
N VAL A 100 0.15 -12.87 -1.77
CA VAL A 100 -0.13 -11.69 -2.57
C VAL A 100 0.96 -10.63 -2.36
N CYS A 101 1.34 -10.37 -1.10
CA CYS A 101 2.39 -9.38 -0.86
C CYS A 101 3.68 -9.79 -1.56
N ASP A 102 4.06 -11.07 -1.47
CA ASP A 102 5.27 -11.54 -2.13
C ASP A 102 5.17 -11.35 -3.64
N THR A 103 3.99 -11.55 -4.19
CA THR A 103 3.82 -11.36 -5.63
C THR A 103 4.03 -9.89 -6.01
N VAL A 104 3.44 -8.97 -5.26
CA VAL A 104 3.62 -7.55 -5.59
C VAL A 104 5.07 -7.15 -5.41
N LEU A 105 5.67 -7.55 -4.30
CA LEU A 105 7.07 -7.22 -4.07
C LEU A 105 7.94 -7.80 -5.17
N GLY A 106 7.58 -9.00 -5.64
CA GLY A 106 8.33 -9.59 -6.74
C GLY A 106 8.21 -8.81 -8.04
N LEU A 107 7.06 -8.27 -8.36
CA LEU A 107 6.93 -7.43 -9.55
C LEU A 107 7.76 -6.15 -9.39
N LEU A 108 7.74 -5.56 -8.18
CA LEU A 108 8.53 -4.36 -7.96
C LEU A 108 10.02 -4.62 -8.11
N ASP A 109 10.50 -5.75 -7.59
CA ASP A 109 11.91 -6.08 -7.67
C ASP A 109 12.31 -6.62 -9.04
N SER A 110 11.40 -7.13 -9.83
CA SER A 110 11.73 -7.78 -11.11
C SER A 110 10.67 -7.31 -12.11
N HIS A 111 10.80 -6.11 -12.68
CA HIS A 111 11.96 -5.21 -12.56
C HIS A 111 11.48 -3.77 -12.54
N LEU A 112 10.32 -3.50 -11.91
CA LEU A 112 9.74 -2.16 -12.02
C LEU A 112 10.60 -1.09 -11.41
N ILE A 113 11.10 -1.30 -10.20
CA ILE A 113 11.86 -0.25 -9.53
C ILE A 113 13.13 0.08 -10.31
N LYS A 114 13.90 -0.92 -10.73
CA LYS A 114 15.20 -0.64 -11.32
C LYS A 114 15.07 0.11 -12.64
N GLU A 115 13.95 0.03 -13.32
CA GLU A 115 13.80 0.78 -14.56
C GLU A 115 13.12 2.14 -14.36
N ALA A 116 12.70 2.46 -13.13
CA ALA A 116 11.93 3.68 -12.85
C ALA A 116 12.90 4.80 -12.49
N GLY A 117 13.09 5.71 -13.44
CA GLY A 117 14.01 6.82 -13.30
C GLY A 117 13.33 8.15 -13.02
N ASP A 118 12.07 8.34 -13.42
CA ASP A 118 11.43 9.62 -13.11
C ASP A 118 10.90 9.56 -11.69
N ALA A 119 10.88 10.71 -11.02
CA ALA A 119 10.41 10.70 -9.63
C ALA A 119 9.00 10.13 -9.50
N GLU A 120 8.10 10.45 -10.43
N GLU A 120 8.10 10.47 -10.42
CA GLU A 120 6.71 10.02 -10.23
CA GLU A 120 6.71 10.03 -10.26
C GLU A 120 6.55 8.51 -10.33
C GLU A 120 6.61 8.52 -10.26
N SER A 121 7.38 7.85 -11.12
CA SER A 121 7.32 6.39 -11.15
C SER A 121 8.07 5.80 -9.97
N ARG A 122 9.29 6.29 -9.69
CA ARG A 122 10.12 5.64 -8.70
C ARG A 122 9.54 5.82 -7.32
N VAL A 123 9.08 7.02 -6.98
CA VAL A 123 8.44 7.25 -5.69
C VAL A 123 7.19 6.36 -5.54
N PHE A 124 6.39 6.26 -6.58
CA PHE A 124 5.19 5.43 -6.54
C PHE A 124 5.53 3.98 -6.22
N TYR A 125 6.52 3.42 -6.92
CA TYR A 125 6.88 2.02 -6.68
C TYR A 125 7.51 1.82 -5.32
N LEU A 126 8.35 2.73 -4.85
CA LEU A 126 8.95 2.59 -3.53
C LEU A 126 7.89 2.74 -2.43
N LYS A 127 6.92 3.60 -2.62
CA LYS A 127 5.74 3.64 -1.73
C LYS A 127 5.05 2.28 -1.68
N MET A 128 4.79 1.70 -2.85
CA MET A 128 4.16 0.37 -2.87
C MET A 128 5.02 -0.66 -2.16
N LYS A 129 6.34 -0.59 -2.32
CA LYS A 129 7.23 -1.54 -1.65
C LYS A 129 7.06 -1.39 -0.14
N GLY A 130 7.07 -0.14 0.36
CA GLY A 130 6.82 0.10 1.78
C GLY A 130 5.48 -0.43 2.24
N ASP A 131 4.43 -0.22 1.44
CA ASP A 131 3.10 -0.64 1.82
C ASP A 131 3.03 -2.16 1.96
N TYR A 132 3.58 -2.93 0.98
CA TYR A 132 3.43 -4.39 1.02
C TYR A 132 4.34 -5.00 2.07
N TYR A 133 5.51 -4.40 2.36
CA TYR A 133 6.23 -4.84 3.55
C TYR A 133 5.50 -4.50 4.82
N ARG A 134 4.77 -3.38 4.85
CA ARG A 134 3.95 -3.04 6.01
C ARG A 134 2.85 -4.08 6.20
N TYR A 135 2.18 -4.51 5.13
CA TYR A 135 1.17 -5.56 5.29
C TYR A 135 1.78 -6.87 5.78
N LEU A 136 2.98 -7.24 5.31
CA LEU A 136 3.67 -8.39 5.88
C LEU A 136 3.96 -8.17 7.35
N ALA A 137 4.35 -6.94 7.74
CA ALA A 137 4.68 -6.66 9.15
C ALA A 137 3.46 -6.77 10.03
N GLU A 138 2.27 -6.48 9.51
CA GLU A 138 1.07 -6.57 10.33
C GLU A 138 0.84 -7.98 10.83
N VAL A 139 1.28 -9.00 10.09
CA VAL A 139 1.03 -10.40 10.44
C VAL A 139 2.30 -11.13 10.89
N ALA A 140 3.43 -10.44 10.95
CA ALA A 140 4.72 -11.11 11.18
C ALA A 140 4.93 -11.36 12.65
N THR A 141 5.48 -12.55 12.94
CA THR A 141 5.86 -12.94 14.32
C THR A 141 7.22 -13.62 14.45
N GLY A 142 7.92 -13.96 13.37
CA GLY A 142 9.11 -14.80 13.45
C GLY A 142 10.43 -14.05 13.60
N ASP A 143 11.52 -14.79 13.36
CA ASP A 143 12.88 -14.25 13.48
C ASP A 143 13.09 -13.06 12.56
N ASP A 144 12.35 -13.00 11.45
CA ASP A 144 12.55 -11.96 10.45
C ASP A 144 11.66 -10.74 10.64
N LYS A 145 10.91 -10.64 11.73
CA LYS A 145 9.93 -9.56 11.85
C LYS A 145 10.60 -8.18 11.85
N LYS A 146 11.70 -8.03 12.61
CA LYS A 146 12.40 -6.75 12.60
C LYS A 146 12.90 -6.40 11.21
N ARG A 147 13.40 -7.38 10.45
CA ARG A 147 13.90 -7.10 9.11
C ARG A 147 12.73 -6.73 8.20
N ILE A 148 11.54 -7.34 8.37
CA ILE A 148 10.38 -6.96 7.56
C ILE A 148 10.00 -5.51 7.81
N ILE A 149 9.96 -5.12 9.10
CA ILE A 149 9.66 -3.76 9.47
C ILE A 149 10.69 -2.81 8.90
N ASP A 150 11.97 -3.19 8.97
CA ASP A 150 13.00 -2.30 8.46
C ASP A 150 12.98 -2.21 6.94
N SER A 151 12.54 -3.28 6.26
CA SER A 151 12.38 -3.20 4.81
C SER A 151 11.30 -2.20 4.42
N ALA A 152 10.19 -2.20 5.15
CA ALA A 152 9.15 -1.19 4.90
C ALA A 152 9.72 0.20 5.13
N ARG A 153 10.38 0.40 6.29
CA ARG A 153 10.93 1.72 6.61
C ARG A 153 11.89 2.19 5.54
N SER A 154 12.80 1.30 5.11
CA SER A 154 13.82 1.69 4.13
C SER A 154 13.21 2.11 2.81
N ALA A 155 12.20 1.35 2.34
CA ALA A 155 11.54 1.70 1.09
C ALA A 155 10.82 3.06 1.20
N TYR A 156 10.06 3.24 2.29
CA TYR A 156 9.38 4.51 2.53
C TYR A 156 10.38 5.65 2.62
N GLN A 157 11.51 5.42 3.28
CA GLN A 157 12.49 6.50 3.46
C GLN A 157 13.14 6.90 2.14
N GLU A 158 13.49 5.92 1.29
CA GLU A 158 14.02 6.28 -0.02
C GLU A 158 12.98 7.07 -0.82
N ALA A 159 11.72 6.63 -0.79
CA ALA A 159 10.65 7.35 -1.49
C ALA A 159 10.54 8.78 -0.97
N MET A 160 10.60 8.94 0.35
CA MET A 160 10.53 10.26 0.96
C MET A 160 11.67 11.14 0.49
N ASP A 161 12.87 10.57 0.49
CA ASP A 161 14.02 11.38 0.11
C ASP A 161 13.91 11.89 -1.32
N ILE A 162 13.50 11.03 -2.25
CA ILE A 162 13.31 11.43 -3.63
C ILE A 162 12.18 12.47 -3.73
N SER A 163 11.05 12.19 -3.06
CA SER A 163 9.90 13.06 -3.20
C SER A 163 10.20 14.47 -2.69
N LYS A 164 10.99 14.59 -1.63
CA LYS A 164 11.31 15.91 -1.11
C LYS A 164 12.25 16.67 -2.03
N LYS A 165 13.10 15.98 -2.77
CA LYS A 165 14.00 16.63 -3.72
C LYS A 165 13.30 16.97 -5.02
N GLU A 166 12.35 16.15 -5.46
CA GLU A 166 11.90 16.19 -6.84
C GLU A 166 10.46 16.57 -7.06
N MET A 167 9.63 16.61 -6.03
CA MET A 167 8.21 16.85 -6.19
C MET A 167 7.78 18.00 -5.31
N PRO A 168 6.77 18.75 -5.73
CA PRO A 168 6.22 19.80 -4.85
C PRO A 168 5.51 19.18 -3.67
N PRO A 169 5.35 19.93 -2.59
CA PRO A 169 4.73 19.36 -1.39
C PRO A 169 3.28 19.03 -1.56
N THR A 170 2.60 19.49 -2.61
CA THR A 170 1.23 19.10 -2.89
C THR A 170 1.08 17.90 -3.82
N ASN A 171 2.17 17.38 -4.35
CA ASN A 171 2.03 16.28 -5.32
CA ASN A 171 2.04 16.28 -5.31
C ASN A 171 1.28 15.13 -4.64
N PRO A 172 0.20 14.62 -5.24
CA PRO A 172 -0.59 13.57 -4.56
C PRO A 172 0.19 12.31 -4.24
N ILE A 173 1.20 11.93 -5.03
CA ILE A 173 2.01 10.75 -4.70
C ILE A 173 2.82 11.02 -3.45
N ARG A 174 3.45 12.19 -3.38
CA ARG A 174 4.21 12.60 -2.19
C ARG A 174 3.29 12.64 -0.98
N LEU A 175 2.07 13.18 -1.12
CA LEU A 175 1.14 13.23 0.00
C LEU A 175 0.73 11.84 0.45
N GLY A 176 0.36 10.97 -0.50
CA GLY A 176 -0.08 9.62 -0.12
C GLY A 176 1.03 8.80 0.50
N LEU A 177 2.26 8.97 0.00
CA LEU A 177 3.43 8.36 0.62
C LEU A 177 3.54 8.79 2.06
N ALA A 178 3.49 10.10 2.32
CA ALA A 178 3.62 10.61 3.69
C ALA A 178 2.49 10.12 4.58
N LEU A 179 1.27 10.11 4.06
CA LEU A 179 0.14 9.57 4.82
C LEU A 179 0.44 8.14 5.29
N ASN A 180 0.87 7.30 4.34
CA ASN A 180 1.08 5.88 4.64
C ASN A 180 2.30 5.65 5.54
N PHE A 181 3.39 6.42 5.30
CA PHE A 181 4.55 6.29 6.17
C PHE A 181 4.24 6.73 7.59
N SER A 182 3.39 7.75 7.73
CA SER A 182 2.95 8.18 9.04
C SER A 182 2.18 7.05 9.72
N VAL A 183 1.27 6.38 8.99
CA VAL A 183 0.56 5.20 9.53
C VAL A 183 1.55 4.08 9.92
N PHE A 184 2.54 3.82 9.09
CA PHE A 184 3.62 2.88 9.45
C PHE A 184 4.20 3.24 10.80
N HIS A 185 4.59 4.51 11.00
CA HIS A 185 5.16 4.90 12.29
C HIS A 185 4.21 4.61 13.42
N TYR A 186 2.93 4.93 13.25
CA TYR A 186 1.96 4.81 14.33
C TYR A 186 1.65 3.36 14.65
N GLU A 187 1.35 2.57 13.63
CA GLU A 187 0.79 1.22 13.81
C GLU A 187 1.86 0.13 13.82
N ILE A 188 2.99 0.31 13.15
CA ILE A 188 3.98 -0.75 12.98
C ILE A 188 5.20 -0.49 13.86
N ALA A 189 5.75 0.73 13.79
CA ALA A 189 6.99 1.05 14.46
C ALA A 189 6.79 1.53 15.88
N ASN A 190 5.58 1.60 16.38
CA ASN A 190 5.36 2.03 17.77
C ASN A 190 5.92 3.43 18.00
N SER A 191 5.77 4.31 16.99
CA SER A 191 6.35 5.66 17.01
C SER A 191 5.24 6.66 16.77
N PRO A 192 4.28 6.79 17.69
CA PRO A 192 3.16 7.71 17.44
C PRO A 192 3.60 9.16 17.31
N GLU A 193 4.63 9.61 18.05
CA GLU A 193 5.04 11.00 17.90
C GLU A 193 5.61 11.26 16.51
N GLU A 194 6.39 10.32 15.95
CA GLU A 194 6.90 10.49 14.58
C GLU A 194 5.75 10.49 13.59
N ALA A 195 4.76 9.65 13.83
CA ALA A 195 3.59 9.61 12.95
C ALA A 195 2.87 10.95 12.93
N ILE A 196 2.65 11.54 14.10
CA ILE A 196 1.93 12.80 14.19
C ILE A 196 2.77 13.93 13.60
N SER A 197 4.06 13.97 13.91
CA SER A 197 4.93 15.03 13.38
C SER A 197 4.95 14.96 11.85
N LEU A 198 5.08 13.76 11.29
CA LEU A 198 5.12 13.65 9.83
C LEU A 198 3.79 14.11 9.22
N ALA A 199 2.66 13.65 9.76
CA ALA A 199 1.38 14.07 9.21
C ALA A 199 1.20 15.58 9.28
N LYS A 200 1.56 16.20 10.42
CA LYS A 200 1.39 17.64 10.58
C LYS A 200 2.27 18.41 9.62
N THR A 201 3.55 18.11 9.58
CA THR A 201 4.44 18.85 8.71
C THR A 201 4.04 18.68 7.25
N THR A 202 3.64 17.47 6.86
CA THR A 202 3.19 17.24 5.49
C THR A 202 1.97 18.10 5.20
N PHE A 203 0.99 18.09 6.09
CA PHE A 203 -0.22 18.89 5.89
C PHE A 203 0.13 20.37 5.74
N ASP A 204 0.97 20.90 6.63
CA ASP A 204 1.25 22.33 6.63
C ASP A 204 2.04 22.76 5.40
N GLU A 205 2.99 21.93 4.97
CA GLU A 205 3.77 22.27 3.77
C GLU A 205 2.91 22.21 2.54
N ALA A 206 1.97 21.27 2.48
CA ALA A 206 1.04 21.24 1.35
C ALA A 206 0.11 22.46 1.35
N MET A 207 -0.43 22.82 2.51
CA MET A 207 -1.30 24.00 2.62
C MET A 207 -0.66 25.21 1.99
N ALA A 208 0.62 25.42 2.29
CA ALA A 208 1.33 26.61 1.84
C ALA A 208 1.63 26.61 0.36
N ASP A 209 1.42 25.48 -0.34
N ASP A 209 1.47 25.50 -0.36
CA ASP A 209 1.71 25.32 -1.75
CA ASP A 209 1.71 25.52 -1.80
C ASP A 209 0.43 25.26 -2.57
C ASP A 209 0.43 25.29 -2.60
N LEU A 210 -0.74 25.22 -1.94
CA LEU A 210 -2.00 25.08 -2.67
C LEU A 210 -2.22 26.22 -3.64
N HIS A 211 -1.71 27.43 -3.31
CA HIS A 211 -1.97 28.62 -4.11
C HIS A 211 -1.40 28.48 -5.51
N THR A 212 -0.44 27.56 -5.71
CA THR A 212 0.15 27.38 -7.03
C THR A 212 -0.70 26.53 -7.97
N LEU A 213 -1.74 25.91 -7.50
CA LEU A 213 -2.40 24.82 -8.20
C LEU A 213 -3.62 25.30 -8.98
N SER A 214 -3.91 24.59 -10.05
CA SER A 214 -5.21 24.67 -10.71
C SER A 214 -6.31 24.10 -9.81
N GLU A 215 -7.56 24.33 -10.22
CA GLU A 215 -8.69 23.82 -9.46
C GLU A 215 -8.68 22.30 -9.38
N ASP A 216 -8.34 21.64 -10.50
CA ASP A 216 -8.38 20.19 -10.45
C ASP A 216 -7.24 19.63 -9.58
N SER A 217 -6.05 20.21 -9.68
CA SER A 217 -4.94 19.76 -8.84
C SER A 217 -5.24 20.02 -7.37
N TYR A 218 -5.85 21.18 -7.10
CA TYR A 218 -6.27 21.50 -5.74
C TYR A 218 -7.17 20.42 -5.17
N LYS A 219 -8.14 19.94 -5.96
CA LYS A 219 -9.04 18.90 -5.47
C LYS A 219 -8.28 17.64 -5.10
N ASP A 220 -7.35 17.22 -5.96
CA ASP A 220 -6.56 16.01 -5.68
C ASP A 220 -5.76 16.18 -4.39
N SER A 221 -5.08 17.31 -4.24
CA SER A 221 -4.20 17.50 -3.08
C SER A 221 -5.01 17.61 -1.80
N THR A 222 -6.11 18.39 -1.83
CA THR A 222 -6.87 18.59 -0.61
C THR A 222 -7.57 17.31 -0.17
N LEU A 223 -7.89 16.42 -1.11
CA LEU A 223 -8.46 15.13 -0.73
C LEU A 223 -7.53 14.37 0.19
N ILE A 224 -6.24 14.29 -0.14
CA ILE A 224 -5.28 13.56 0.69
C ILE A 224 -4.98 14.35 1.94
N MET A 225 -4.93 15.70 1.83
CA MET A 225 -4.73 16.48 3.06
C MET A 225 -5.82 16.20 4.07
N GLN A 226 -7.05 16.00 3.62
CA GLN A 226 -8.10 15.70 4.57
C GLN A 226 -7.86 14.37 5.28
N LEU A 227 -7.31 13.37 4.58
CA LEU A 227 -6.96 12.10 5.23
C LEU A 227 -5.89 12.31 6.29
N LEU A 228 -4.88 13.17 6.01
CA LEU A 228 -3.88 13.47 7.02
C LEU A 228 -4.53 14.10 8.24
N ARG A 229 -5.44 15.05 8.02
CA ARG A 229 -6.15 15.66 9.14
C ARG A 229 -7.01 14.63 9.87
N ASP A 230 -7.67 13.72 9.15
CA ASP A 230 -8.48 12.69 9.79
C ASP A 230 -7.63 11.83 10.72
N ASN A 231 -6.44 11.44 10.27
CA ASN A 231 -5.56 10.65 11.13
C ASN A 231 -5.11 11.46 12.32
N LEU A 232 -4.71 12.70 12.11
CA LEU A 232 -4.32 13.56 13.24
C LEU A 232 -5.43 13.67 14.28
N THR A 233 -6.67 13.79 13.84
CA THR A 233 -7.80 13.85 14.77
C THR A 233 -7.97 12.52 15.52
N LEU A 234 -7.78 11.40 14.84
CA LEU A 234 -7.84 10.11 15.51
C LEU A 234 -6.75 9.99 16.58
N TRP A 235 -5.58 10.59 16.37
CA TRP A 235 -4.40 10.33 17.16
C TRP A 235 -4.16 11.34 18.26
N THR A 236 -4.91 12.45 18.25
CA THR A 236 -4.68 13.53 19.20
C THR A 236 -5.99 13.91 19.88
N PHE B 4 -9.51 2.13 12.25
CA PHE B 4 -8.19 2.09 11.59
C PHE B 4 -7.94 3.41 10.87
N PRO B 5 -6.66 3.76 10.73
CA PRO B 5 -6.33 5.04 10.12
C PRO B 5 -6.34 4.96 8.59
N ALA B 6 -6.45 6.13 7.96
CA ALA B 6 -6.54 6.25 6.52
C ALA B 6 -5.19 6.04 5.83
N VAL B 8 -3.73 5.35 1.50
CA VAL B 8 -4.12 5.33 0.09
C VAL B 8 -3.20 4.51 -0.74
#